data_5OMH
#
_entry.id   5OMH
#
_cell.length_a   64.420
_cell.length_b   74.980
_cell.length_c   77.710
_cell.angle_alpha   90.00
_cell.angle_beta   90.00
_cell.angle_gamma   90.00
#
_symmetry.space_group_name_H-M   'P 21 21 21'
#
loop_
_entity.id
_entity.type
_entity.pdbx_description
1 polymer 'Mitogen-activated protein kinase 14'
2 non-polymer '1-(3-chlorophenyl)-3-methyl-4~{H}-pyrazolo[4,3-c][1,2]benzothiazine 5,5-dioxide'
3 water water
#
_entity_poly.entity_id   1
_entity_poly.type   'polypeptide(L)'
_entity_poly.pdbx_seq_one_letter_code
;MSQERPTFYRQELNKTIWEVPERYQNLSPVGSGAYGSVCAAFDTKTGLRVAVKKLSRPFQSIIHAKRTYRELRLLKHMKH
ENVIGLLDVFTPARSLEEFNDVYLVTHLMGADLNNIVKCQKLTDDHVQFLIYQILRGLKYIHSADIIHRDLKPSNLAVNE
DCELKILDFGLARHTDDEMTGYVATRWYRAPEIMLNWMHYNQTVDIWSVGCIMAELLTGRTLFPGTDHIDQLKLILRLVG
TPGAELLKKISSESARNYIQSLTQMPKMNFANVFIGANPLAVDLLEKMLVLDSDKRITAAQALAHAYFAQYHDPDDEPVA
DPYDQSFESRDLLIDEWKSLTYDEVISFVPPPLDQEEMES
;
_entity_poly.pdbx_strand_id   A
#
loop_
_chem_comp.id
_chem_comp.type
_chem_comp.name
_chem_comp.formula
9Y5 non-polymer '1-(3-chlorophenyl)-3-methyl-4~{H}-pyrazolo[4,3-c][1,2]benzothiazine 5,5-dioxide' 'C16 H12 Cl N3 O2 S'
#
# COMPACT_ATOMS: atom_id res chain seq x y z
N ARG A 5 11.71 -29.50 -10.21
CA ARG A 5 10.46 -30.28 -10.40
C ARG A 5 9.78 -29.89 -11.72
N PRO A 6 9.46 -28.60 -11.90
CA PRO A 6 8.87 -28.13 -13.16
C PRO A 6 9.91 -27.73 -14.20
N THR A 7 9.47 -27.48 -15.43
CA THR A 7 10.37 -27.20 -16.52
C THR A 7 10.37 -25.72 -16.84
N PHE A 8 11.54 -25.15 -16.94
CA PHE A 8 11.67 -23.73 -17.19
C PHE A 8 12.08 -23.47 -18.61
N TYR A 9 11.78 -22.28 -19.11
CA TYR A 9 12.21 -21.87 -20.44
C TYR A 9 12.61 -20.42 -20.45
N ARG A 10 13.76 -20.12 -21.06
CA ARG A 10 14.28 -18.74 -21.09
C ARG A 10 13.52 -17.92 -22.12
N GLN A 11 13.68 -16.61 -22.06
CA GLN A 11 12.98 -15.70 -22.96
C GLN A 11 13.50 -14.29 -22.76
N GLU A 12 13.43 -13.48 -23.81
CA GLU A 12 13.83 -12.09 -23.73
C GLU A 12 12.56 -11.25 -23.82
N LEU A 13 12.57 -10.12 -23.12
CA LEU A 13 11.39 -9.24 -23.03
C LEU A 13 11.69 -8.06 -22.12
N ASN A 14 11.07 -6.92 -22.40
CA ASN A 14 11.28 -5.72 -21.58
C ASN A 14 12.76 -5.36 -21.51
N LYS A 15 13.51 -5.72 -22.55
CA LYS A 15 14.95 -5.60 -22.48
C LYS A 15 15.47 -6.27 -21.20
N THR A 16 14.96 -7.46 -20.91
CA THR A 16 15.32 -8.24 -19.72
C THR A 16 15.06 -9.71 -20.02
N ILE A 17 15.73 -10.62 -19.31
CA ILE A 17 15.51 -12.06 -19.45
C ILE A 17 14.51 -12.60 -18.42
N TRP A 18 13.90 -13.73 -18.75
CA TRP A 18 12.96 -14.40 -17.87
C TRP A 18 13.11 -15.89 -18.05
N GLU A 19 13.46 -16.59 -16.98
CA GLU A 19 13.37 -18.04 -16.99
C GLU A 19 12.26 -18.45 -16.00
N VAL A 20 11.06 -18.61 -16.54
CA VAL A 20 9.89 -19.04 -15.76
C VAL A 20 9.50 -20.49 -16.04
N PRO A 21 8.80 -21.13 -15.08
CA PRO A 21 8.28 -22.45 -15.39
C PRO A 21 7.39 -22.44 -16.64
N GLU A 22 7.08 -23.63 -17.15
CA GLU A 22 6.37 -23.76 -18.42
C GLU A 22 4.87 -23.68 -18.23
N ARG A 23 4.40 -23.68 -16.98
CA ARG A 23 2.96 -23.43 -16.71
C ARG A 23 2.53 -21.99 -16.94
N TYR A 24 3.46 -21.07 -17.03
CA TYR A 24 3.15 -19.68 -17.31
C TYR A 24 3.45 -19.45 -18.77
N GLN A 25 2.44 -18.99 -19.53
CA GLN A 25 2.58 -18.81 -20.96
C GLN A 25 2.19 -17.42 -21.41
N ASN A 26 2.76 -17.00 -22.52
CA ASN A 26 2.37 -15.77 -23.17
C ASN A 26 2.70 -14.57 -22.33
N LEU A 27 3.96 -14.47 -21.96
CA LEU A 27 4.42 -13.32 -21.21
C LEU A 27 4.28 -12.05 -22.03
N SER A 28 3.90 -10.96 -21.36
CA SER A 28 3.72 -9.68 -22.00
C SER A 28 3.94 -8.60 -20.95
N PRO A 29 4.84 -7.62 -21.19
CA PRO A 29 5.03 -6.57 -20.20
C PRO A 29 3.76 -5.84 -19.80
N VAL A 30 3.86 -5.01 -18.77
CA VAL A 30 2.71 -4.24 -18.29
C VAL A 30 3.10 -2.85 -17.82
N TYR A 35 12.96 -1.09 -8.97
CA TYR A 35 11.89 -1.84 -8.31
C TYR A 35 11.76 -3.30 -8.81
N GLY A 36 11.82 -3.47 -10.12
CA GLY A 36 11.50 -4.76 -10.77
C GLY A 36 10.34 -4.56 -11.74
N SER A 37 10.25 -5.44 -12.72
CA SER A 37 9.22 -5.32 -13.76
C SER A 37 8.13 -6.40 -13.65
N VAL A 38 6.93 -6.08 -14.11
CA VAL A 38 5.82 -6.99 -14.09
C VAL A 38 5.45 -7.39 -15.50
N CYS A 39 4.98 -8.64 -15.63
CA CYS A 39 4.52 -9.21 -16.89
C CYS A 39 3.16 -9.81 -16.75
N ALA A 40 2.31 -9.67 -17.78
CA ALA A 40 1.08 -10.44 -17.85
C ALA A 40 1.38 -11.85 -18.40
N ALA A 41 0.59 -12.84 -18.01
CA ALA A 41 0.82 -14.22 -18.45
C ALA A 41 -0.40 -15.09 -18.17
N PHE A 42 -0.38 -16.29 -18.72
CA PHE A 42 -1.47 -17.24 -18.54
C PHE A 42 -0.95 -18.44 -17.76
N ASP A 43 -1.62 -18.77 -16.67
CA ASP A 43 -1.22 -19.90 -15.83
C ASP A 43 -2.06 -21.14 -16.11
N THR A 44 -1.41 -22.10 -16.77
CA THR A 44 -2.02 -23.35 -17.19
C THR A 44 -2.57 -24.21 -16.03
N LYS A 45 -1.88 -24.25 -14.89
CA LYS A 45 -2.36 -25.07 -13.79
C LYS A 45 -3.72 -24.60 -13.29
N THR A 46 -4.04 -23.32 -13.40
CA THR A 46 -5.39 -22.88 -12.99
C THR A 46 -6.18 -22.16 -14.06
N GLY A 47 -5.55 -21.86 -15.18
CA GLY A 47 -6.20 -21.12 -16.22
C GLY A 47 -6.66 -19.71 -15.86
N LEU A 48 -5.94 -19.04 -14.95
CA LEU A 48 -6.21 -17.65 -14.63
C LEU A 48 -5.14 -16.83 -15.31
N ARG A 49 -5.48 -15.59 -15.63
CA ARG A 49 -4.50 -14.62 -16.02
C ARG A 49 -3.80 -14.14 -14.72
N VAL A 50 -2.46 -14.16 -14.74
CA VAL A 50 -1.63 -13.79 -13.60
C VAL A 50 -0.69 -12.70 -13.96
N ALA A 51 -0.10 -12.08 -12.95
CA ALA A 51 0.97 -11.13 -13.14
C ALA A 51 2.21 -11.69 -12.48
N VAL A 52 3.33 -11.62 -13.20
CA VAL A 52 4.60 -12.17 -12.76
C VAL A 52 5.58 -11.00 -12.65
N LYS A 53 6.14 -10.80 -11.47
CA LYS A 53 7.09 -9.72 -11.24
C LYS A 53 8.44 -10.32 -11.03
N LYS A 54 9.44 -9.74 -11.68
CA LYS A 54 10.80 -10.19 -11.53
C LYS A 54 11.51 -9.12 -10.78
N LEU A 55 12.00 -9.42 -9.60
CA LEU A 55 12.78 -8.43 -8.86
C LEU A 55 14.08 -8.10 -9.55
N SER A 56 14.39 -6.81 -9.60
CA SER A 56 15.65 -6.37 -10.16
C SER A 56 16.81 -6.43 -9.13
N ARG A 57 17.78 -7.30 -9.39
CA ARG A 57 19.04 -7.28 -8.64
C ARG A 57 18.70 -7.41 -7.15
N PRO A 58 17.91 -8.42 -6.78
CA PRO A 58 17.40 -8.58 -5.41
C PRO A 58 18.44 -8.57 -4.28
N PHE A 59 19.67 -8.98 -4.60
CA PHE A 59 20.74 -9.10 -3.63
C PHE A 59 21.99 -8.34 -3.99
N GLN A 60 21.82 -7.18 -4.63
CA GLN A 60 22.96 -6.37 -5.03
C GLN A 60 23.68 -5.73 -3.85
N SER A 61 22.94 -5.55 -2.75
CA SER A 61 23.47 -4.91 -1.56
C SER A 61 22.68 -5.38 -0.36
N ILE A 62 23.18 -5.07 0.82
CA ILE A 62 22.51 -5.43 2.07
C ILE A 62 21.10 -4.88 2.21
N ILE A 63 20.86 -3.68 1.71
CA ILE A 63 19.58 -3.02 1.89
C ILE A 63 18.56 -3.66 0.97
N HIS A 64 19.04 -4.02 -0.22
CA HIS A 64 18.26 -4.69 -1.23
C HIS A 64 17.92 -6.08 -0.79
N ALA A 65 18.91 -6.79 -0.25
CA ALA A 65 18.70 -8.16 0.15
C ALA A 65 17.66 -8.20 1.25
N LYS A 66 17.77 -7.27 2.19
CA LYS A 66 16.79 -7.19 3.27
C LYS A 66 15.40 -6.83 2.77
N ARG A 67 15.31 -5.94 1.81
CA ARG A 67 14.03 -5.59 1.19
C ARG A 67 13.41 -6.72 0.43
N THR A 68 14.20 -7.42 -0.33
CA THR A 68 13.73 -8.60 -1.01
C THR A 68 13.17 -9.60 0.01
N TYR A 69 13.87 -9.77 1.13
CA TYR A 69 13.43 -10.67 2.14
C TYR A 69 12.12 -10.19 2.77
N ARG A 70 12.07 -8.90 3.09
CA ARG A 70 10.89 -8.28 3.65
C ARG A 70 9.71 -8.38 2.72
N GLU A 71 9.94 -8.19 1.45
CA GLU A 71 8.82 -8.25 0.52
C GLU A 71 8.29 -9.68 0.41
N LEU A 72 9.16 -10.69 0.28
CA LEU A 72 8.69 -12.05 0.27
C LEU A 72 7.90 -12.42 1.55
N ARG A 73 8.40 -12.06 2.71
CA ARG A 73 7.68 -12.36 3.99
C ARG A 73 6.30 -11.73 4.04
N LEU A 74 6.22 -10.46 3.66
CA LEU A 74 4.95 -9.75 3.63
C LEU A 74 4.02 -10.44 2.67
N LEU A 75 4.49 -10.77 1.47
CA LEU A 75 3.57 -11.33 0.47
C LEU A 75 3.14 -12.71 0.83
N LYS A 76 4.02 -13.47 1.46
CA LYS A 76 3.70 -14.83 1.88
C LYS A 76 2.65 -14.85 3.01
N HIS A 77 2.58 -13.76 3.76
CA HIS A 77 1.67 -13.66 4.88
C HIS A 77 0.27 -13.15 4.51
N MET A 78 0.15 -12.39 3.42
CA MET A 78 -1.14 -11.83 3.01
C MET A 78 -2.16 -12.80 2.39
N LYS A 79 -3.27 -12.98 3.09
CA LYS A 79 -4.36 -13.87 2.68
C LYS A 79 -5.64 -13.13 2.98
N HIS A 80 -6.04 -12.28 2.05
CA HIS A 80 -7.23 -11.50 2.20
C HIS A 80 -7.65 -10.93 0.84
N GLU A 81 -8.95 -10.82 0.64
CA GLU A 81 -9.53 -10.46 -0.67
C GLU A 81 -9.15 -9.06 -1.15
N ASN A 82 -8.85 -8.16 -0.25
CA ASN A 82 -8.47 -6.79 -0.63
C ASN A 82 -7.01 -6.46 -0.50
N VAL A 83 -6.18 -7.48 -0.36
CA VAL A 83 -4.77 -7.32 -0.27
C VAL A 83 -4.17 -8.34 -1.23
N ILE A 84 -3.15 -7.92 -1.92
CA ILE A 84 -2.48 -8.77 -2.89
C ILE A 84 -2.00 -10.05 -2.26
N GLY A 85 -2.25 -11.14 -2.96
CA GLY A 85 -2.03 -12.49 -2.45
C GLY A 85 -1.01 -13.16 -3.34
N LEU A 86 -0.11 -13.91 -2.74
CA LEU A 86 0.95 -14.57 -3.51
C LEU A 86 0.46 -15.90 -4.07
N LEU A 87 0.42 -16.03 -5.39
CA LEU A 87 0.02 -17.31 -6.03
C LEU A 87 1.16 -18.30 -6.12
N ASP A 88 2.37 -17.78 -6.36
CA ASP A 88 3.54 -18.59 -6.48
C ASP A 88 4.77 -17.74 -6.35
N VAL A 89 5.85 -18.35 -5.89
CA VAL A 89 7.14 -17.75 -5.91
C VAL A 89 8.12 -18.80 -6.37
N PHE A 90 9.03 -18.42 -7.24
CA PHE A 90 9.95 -19.39 -7.73
C PHE A 90 11.22 -18.71 -8.17
N THR A 91 12.25 -19.53 -8.32
CA THR A 91 13.51 -19.10 -8.92
C THR A 91 13.99 -20.20 -9.88
N PRO A 92 14.69 -19.80 -10.95
CA PRO A 92 15.29 -20.84 -11.80
C PRO A 92 16.39 -21.68 -11.12
N ALA A 93 17.24 -21.06 -10.29
CA ALA A 93 18.40 -21.72 -9.64
C ALA A 93 18.06 -23.06 -8.99
N ARG A 94 19.03 -23.97 -9.00
CA ARG A 94 18.87 -25.32 -8.48
C ARG A 94 19.38 -25.43 -7.04
N SER A 95 20.22 -24.49 -6.62
CA SER A 95 20.88 -24.52 -5.33
C SER A 95 20.98 -23.11 -4.77
N LEU A 96 21.01 -23.02 -3.44
CA LEU A 96 21.29 -21.76 -2.77
C LEU A 96 22.54 -21.14 -3.38
N GLU A 97 23.53 -21.98 -3.71
CA GLU A 97 24.76 -21.52 -4.36
C GLU A 97 24.47 -20.78 -5.66
N GLU A 98 23.52 -21.32 -6.44
CA GLU A 98 23.08 -20.75 -7.72
C GLU A 98 21.97 -19.68 -7.66
N PHE A 99 21.48 -19.37 -6.46
CA PHE A 99 20.27 -18.55 -6.23
C PHE A 99 20.51 -17.06 -6.35
N ASN A 100 20.13 -16.46 -7.48
CA ASN A 100 20.30 -15.03 -7.69
C ASN A 100 19.13 -14.29 -8.35
N ASP A 101 17.98 -14.93 -8.51
CA ASP A 101 16.87 -14.25 -9.18
C ASP A 101 15.57 -14.74 -8.59
N VAL A 102 14.60 -13.83 -8.44
CA VAL A 102 13.34 -14.08 -7.73
C VAL A 102 12.15 -13.55 -8.50
N TYR A 103 11.13 -14.38 -8.65
CA TYR A 103 9.92 -13.99 -9.35
C TYR A 103 8.73 -14.25 -8.45
N LEU A 104 7.76 -13.36 -8.49
CA LEU A 104 6.56 -13.47 -7.69
C LEU A 104 5.34 -13.49 -8.62
N VAL A 105 4.33 -14.28 -8.27
CA VAL A 105 3.14 -14.47 -9.10
C VAL A 105 1.86 -14.10 -8.38
N THR A 106 1.03 -13.29 -9.01
CA THR A 106 -0.25 -12.86 -8.44
C THR A 106 -1.34 -12.77 -9.50
N HIS A 107 -2.59 -12.76 -9.02
CA HIS A 107 -3.76 -12.61 -9.86
C HIS A 107 -3.63 -11.32 -10.62
N LEU A 108 -3.74 -11.36 -11.94
CA LEU A 108 -3.68 -10.13 -12.72
C LEU A 108 -4.98 -9.36 -12.53
N MET A 109 -4.89 -8.04 -12.52
CA MET A 109 -6.08 -7.19 -12.27
C MET A 109 -6.41 -6.18 -13.35
N GLY A 110 -5.40 -5.67 -14.05
CA GLY A 110 -5.60 -4.60 -15.02
C GLY A 110 -5.45 -3.24 -14.34
N ALA A 111 -6.46 -2.40 -14.49
CA ALA A 111 -6.36 -0.97 -14.11
C ALA A 111 -6.09 -0.64 -12.64
N ASP A 112 -5.63 0.58 -12.46
CA ASP A 112 -5.45 1.21 -11.18
C ASP A 112 -6.53 2.20 -10.98
N LEU A 113 -6.71 2.59 -9.73
CA LEU A 113 -7.57 3.69 -9.44
C LEU A 113 -7.07 4.91 -10.17
N ASN A 114 -5.77 4.95 -10.39
CA ASN A 114 -5.18 5.96 -11.22
C ASN A 114 -5.97 6.18 -12.50
N ASN A 115 -6.25 5.09 -13.20
CA ASN A 115 -7.02 5.16 -14.45
C ASN A 115 -8.48 5.55 -14.19
N LYS A 121 -14.05 11.10 -12.69
CA LYS A 121 -14.96 11.30 -11.55
C LYS A 121 -15.99 10.18 -11.48
N LEU A 122 -16.00 9.44 -10.37
CA LEU A 122 -16.92 8.31 -10.18
C LEU A 122 -18.12 8.75 -9.35
N THR A 123 -19.14 7.90 -9.29
CA THR A 123 -20.33 8.21 -8.49
C THR A 123 -20.16 7.83 -7.02
N ASP A 124 -20.90 8.53 -6.18
CA ASP A 124 -20.87 8.29 -4.76
C ASP A 124 -21.07 6.83 -4.36
N ASP A 125 -21.82 6.09 -5.15
CA ASP A 125 -21.98 4.67 -4.85
C ASP A 125 -20.67 3.94 -5.09
N HIS A 126 -19.99 4.29 -6.16
CA HIS A 126 -18.73 3.64 -6.53
C HIS A 126 -17.62 3.94 -5.54
N VAL A 127 -17.55 5.22 -5.17
CA VAL A 127 -16.59 5.67 -4.23
C VAL A 127 -16.73 4.89 -2.93
N GLN A 128 -17.95 4.73 -2.47
CA GLN A 128 -18.22 3.98 -1.26
C GLN A 128 -17.64 2.62 -1.33
N PHE A 129 -17.84 1.97 -2.45
CA PHE A 129 -17.46 0.58 -2.56
C PHE A 129 -15.93 0.48 -2.60
N LEU A 130 -15.28 1.41 -3.26
CA LEU A 130 -13.84 1.38 -3.42
C LEU A 130 -13.13 1.72 -2.06
N ILE A 131 -13.48 2.82 -1.43
CA ILE A 131 -12.95 3.15 -0.13
C ILE A 131 -13.27 2.08 0.92
N TYR A 132 -14.44 1.47 0.81
CA TYR A 132 -14.85 0.46 1.77
C TYR A 132 -13.87 -0.69 1.66
N GLN A 133 -13.53 -1.06 0.45
CA GLN A 133 -12.66 -2.21 0.28
C GLN A 133 -11.20 -1.92 0.68
N ILE A 134 -10.78 -0.68 0.52
CA ILE A 134 -9.47 -0.23 0.96
C ILE A 134 -9.38 -0.34 2.49
N LEU A 135 -10.40 0.11 3.19
CA LEU A 135 -10.47 0.03 4.65
C LEU A 135 -10.58 -1.39 5.17
N ARG A 136 -11.31 -2.23 4.48
CA ARG A 136 -11.37 -3.65 4.86
C ARG A 136 -9.98 -4.27 4.77
N GLY A 137 -9.21 -3.88 3.76
CA GLY A 137 -7.84 -4.39 3.59
C GLY A 137 -6.85 -3.77 4.56
N LEU A 138 -7.00 -2.49 4.86
CA LEU A 138 -6.17 -1.88 5.90
C LEU A 138 -6.44 -2.44 7.28
N LYS A 139 -7.68 -2.76 7.56
CA LYS A 139 -8.05 -3.30 8.85
C LYS A 139 -7.25 -4.53 9.04
N TYR A 140 -7.32 -5.40 8.02
CA TYR A 140 -6.55 -6.63 8.02
C TYR A 140 -5.03 -6.40 8.21
N ILE A 141 -4.46 -5.52 7.39
CA ILE A 141 -3.01 -5.25 7.36
C ILE A 141 -2.58 -4.66 8.70
N HIS A 142 -3.38 -3.76 9.22
CA HIS A 142 -3.09 -3.13 10.48
C HIS A 142 -3.21 -4.03 11.70
N SER A 143 -4.08 -5.01 11.64
CA SER A 143 -4.17 -5.98 12.72
C SER A 143 -2.87 -6.80 12.90
N ALA A 144 -2.03 -6.83 11.87
CA ALA A 144 -0.77 -7.54 11.90
C ALA A 144 0.39 -6.61 12.21
N ASP A 145 0.11 -5.38 12.60
CA ASP A 145 1.12 -4.40 12.88
C ASP A 145 1.93 -3.96 11.67
N ILE A 146 1.33 -4.06 10.49
CA ILE A 146 1.97 -3.62 9.28
C ILE A 146 1.38 -2.28 8.86
N ILE A 147 2.25 -1.38 8.43
CA ILE A 147 1.89 -0.07 7.97
C ILE A 147 2.34 -0.11 6.51
N HIS A 148 1.45 0.19 5.58
CA HIS A 148 1.78 0.18 4.18
C HIS A 148 2.73 1.32 3.88
N ARG A 149 2.41 2.54 4.32
CA ARG A 149 3.25 3.73 4.13
C ARG A 149 3.22 4.46 2.80
N ASP A 150 2.61 3.89 1.78
CA ASP A 150 2.71 4.48 0.46
C ASP A 150 1.42 4.23 -0.35
N LEU A 151 0.27 4.24 0.30
CA LEU A 151 -0.96 4.09 -0.45
C LEU A 151 -1.10 5.27 -1.42
N LYS A 152 -1.39 4.95 -2.69
CA LYS A 152 -1.66 5.97 -3.72
C LYS A 152 -2.52 5.28 -4.73
N PRO A 153 -3.08 6.04 -5.69
CA PRO A 153 -3.93 5.34 -6.66
C PRO A 153 -3.23 4.25 -7.43
N SER A 154 -1.96 4.47 -7.74
CA SER A 154 -1.13 3.45 -8.43
C SER A 154 -1.00 2.15 -7.66
N ASN A 155 -1.25 2.15 -6.36
CA ASN A 155 -1.07 0.93 -5.55
C ASN A 155 -2.35 0.21 -5.22
N LEU A 156 -3.42 0.62 -5.88
CA LEU A 156 -4.72 0.04 -5.67
C LEU A 156 -5.18 -0.52 -7.00
N ALA A 157 -5.20 -1.84 -7.11
CA ALA A 157 -5.54 -2.53 -8.36
C ALA A 157 -7.03 -2.78 -8.36
N VAL A 158 -7.65 -2.62 -9.51
CA VAL A 158 -9.10 -2.71 -9.62
C VAL A 158 -9.46 -3.56 -10.83
N ASN A 159 -10.38 -4.50 -10.67
CA ASN A 159 -10.73 -5.31 -11.83
C ASN A 159 -12.02 -4.73 -12.44
N GLU A 160 -12.50 -5.39 -13.47
CA GLU A 160 -13.67 -4.94 -14.18
C GLU A 160 -14.92 -5.02 -13.29
N ASP A 161 -14.95 -5.98 -12.37
CA ASP A 161 -16.04 -6.10 -11.44
C ASP A 161 -16.01 -5.00 -10.36
N CYS A 162 -15.03 -4.10 -10.43
CA CYS A 162 -14.82 -3.08 -9.40
C CYS A 162 -14.27 -3.64 -8.08
N GLU A 163 -13.63 -4.80 -8.14
CA GLU A 163 -13.08 -5.40 -6.93
C GLU A 163 -11.70 -4.83 -6.83
N LEU A 164 -11.25 -4.63 -5.60
CA LEU A 164 -10.01 -3.89 -5.36
C LEU A 164 -9.03 -4.69 -4.50
N LYS A 165 -7.74 -4.49 -4.73
CA LYS A 165 -6.72 -5.06 -3.89
C LYS A 165 -5.64 -4.03 -3.72
N ILE A 166 -5.07 -4.01 -2.52
CA ILE A 166 -3.96 -3.12 -2.18
C ILE A 166 -2.74 -3.88 -2.57
N LEU A 167 -1.86 -3.21 -3.29
CA LEU A 167 -0.60 -3.80 -3.69
C LEU A 167 0.57 -2.89 -3.46
N ASP A 168 1.76 -3.48 -3.42
CA ASP A 168 3.00 -2.71 -3.30
C ASP A 168 3.75 -2.51 -4.61
N ALA A 184 2.62 13.26 -7.49
CA ALA A 184 3.81 12.61 -6.97
C ALA A 184 3.43 11.64 -5.84
N THR A 185 4.42 11.00 -5.23
CA THR A 185 4.18 10.14 -4.08
C THR A 185 3.90 10.95 -2.84
N ARG A 186 4.55 12.12 -2.76
CA ARG A 186 4.33 13.04 -1.64
C ARG A 186 2.88 13.48 -1.48
N TRP A 187 2.12 13.44 -2.58
CA TRP A 187 0.76 13.94 -2.56
C TRP A 187 -0.18 13.26 -1.56
N TYR A 188 0.14 12.04 -1.17
CA TYR A 188 -0.69 11.25 -0.31
C TYR A 188 -0.04 10.97 1.06
N ARG A 189 1.13 11.53 1.34
CA ARG A 189 1.83 11.18 2.59
C ARG A 189 1.26 11.98 3.71
N ALA A 190 1.07 11.31 4.84
CA ALA A 190 0.69 11.97 6.06
C ALA A 190 1.69 13.05 6.44
N PRO A 191 1.23 14.13 7.05
CA PRO A 191 2.24 15.16 7.35
C PRO A 191 3.32 14.73 8.36
N GLU A 192 3.01 13.82 9.28
CA GLU A 192 4.06 13.28 10.14
C GLU A 192 5.14 12.36 9.42
N ILE A 193 4.94 12.02 8.15
CA ILE A 193 5.96 11.38 7.35
C ILE A 193 6.77 12.42 6.64
N MET A 194 6.13 13.49 6.19
CA MET A 194 6.83 14.57 5.49
C MET A 194 7.92 15.19 6.38
N LEU A 195 7.61 15.29 7.66
CA LEU A 195 8.51 15.85 8.66
C LEU A 195 9.36 14.79 9.33
N ASN A 196 9.34 13.57 8.82
CA ASN A 196 10.18 12.50 9.36
C ASN A 196 10.01 12.27 10.88
N TRP A 197 8.78 12.39 11.40
CA TRP A 197 8.51 12.01 12.78
C TRP A 197 8.87 10.54 12.86
N MET A 198 9.79 10.18 13.75
CA MET A 198 10.29 8.81 13.84
C MET A 198 9.25 7.82 14.40
N HIS A 199 8.22 8.32 15.09
CA HIS A 199 7.31 7.44 15.80
C HIS A 199 5.87 7.48 15.29
N TYR A 200 5.68 7.71 14.00
CA TYR A 200 4.34 7.61 13.45
C TYR A 200 3.76 6.19 13.57
N ASN A 201 2.46 6.09 13.46
CA ASN A 201 1.75 4.84 13.64
C ASN A 201 0.92 4.53 12.39
N GLN A 202 0.13 3.50 12.52
CA GLN A 202 -0.75 3.04 11.50
C GLN A 202 -1.61 4.03 10.77
N THR A 203 -2.07 5.09 11.43
CA THR A 203 -2.97 6.03 10.82
C THR A 203 -2.32 6.93 9.78
N VAL A 204 -1.03 6.75 9.46
CA VAL A 204 -0.51 7.37 8.24
C VAL A 204 -1.24 6.86 7.01
N ASP A 205 -1.67 5.61 7.06
CA ASP A 205 -2.37 5.04 5.94
C ASP A 205 -3.77 5.61 5.81
N ILE A 206 -4.40 5.91 6.93
CA ILE A 206 -5.73 6.51 6.94
C ILE A 206 -5.73 7.90 6.31
N TRP A 207 -4.66 8.64 6.51
CA TRP A 207 -4.49 9.92 5.86
C TRP A 207 -4.50 9.76 4.33
N SER A 208 -3.71 8.78 3.82
CA SER A 208 -3.62 8.47 2.38
C SER A 208 -4.98 8.17 1.80
N VAL A 209 -5.68 7.31 2.49
CA VAL A 209 -7.04 6.96 2.12
C VAL A 209 -7.89 8.22 2.06
N GLY A 210 -7.66 9.14 2.99
CA GLY A 210 -8.40 10.37 3.03
C GLY A 210 -8.15 11.17 1.76
N CYS A 211 -6.90 11.27 1.33
CA CYS A 211 -6.56 12.00 0.10
C CYS A 211 -7.11 11.31 -1.13
N ILE A 212 -7.18 10.00 -1.10
CA ILE A 212 -7.66 9.22 -2.23
C ILE A 212 -9.17 9.41 -2.39
N MET A 213 -9.90 9.14 -1.34
CA MET A 213 -11.32 9.42 -1.32
C MET A 213 -11.69 10.80 -1.85
N ALA A 214 -10.94 11.80 -1.44
CA ALA A 214 -11.16 13.18 -1.84
C ALA A 214 -10.97 13.32 -3.35
N GLU A 215 -9.89 12.74 -3.83
CA GLU A 215 -9.59 12.70 -5.23
C GLU A 215 -10.63 11.99 -6.07
N LEU A 216 -11.28 10.99 -5.53
CA LEU A 216 -12.34 10.30 -6.23
C LEU A 216 -13.68 11.08 -6.24
N LEU A 217 -13.97 11.82 -5.18
CA LEU A 217 -15.21 12.58 -5.15
C LEU A 217 -15.12 13.87 -5.97
N THR A 218 -13.92 14.44 -6.11
CA THR A 218 -13.74 15.70 -6.83
C THR A 218 -13.06 15.55 -8.21
N GLY A 219 -12.51 14.38 -8.53
CA GLY A 219 -11.67 14.25 -9.70
C GLY A 219 -10.39 15.05 -9.57
N ARG A 220 -10.09 15.61 -8.39
CA ARG A 220 -8.92 16.48 -8.23
C ARG A 220 -7.99 16.01 -7.13
N THR A 221 -6.69 16.11 -7.37
CA THR A 221 -5.75 15.89 -6.32
C THR A 221 -5.96 16.90 -5.20
N LEU A 222 -6.11 16.38 -3.98
CA LEU A 222 -6.40 17.23 -2.81
C LEU A 222 -5.21 18.14 -2.49
N PHE A 223 -4.01 17.54 -2.42
CA PHE A 223 -2.81 18.29 -2.11
C PHE A 223 -1.71 18.05 -3.12
N PRO A 224 -1.74 18.76 -4.27
CA PRO A 224 -0.68 18.53 -5.25
C PRO A 224 0.50 19.45 -5.00
N GLY A 225 1.18 19.27 -3.89
CA GLY A 225 2.34 20.10 -3.59
C GLY A 225 3.47 19.87 -4.59
N THR A 226 4.36 20.85 -4.70
CA THR A 226 5.55 20.79 -5.56
C THR A 226 6.79 20.38 -4.79
N ASP A 227 6.75 20.53 -3.47
CA ASP A 227 7.87 20.12 -2.65
C ASP A 227 7.33 19.94 -1.24
N HIS A 228 8.19 19.44 -0.36
CA HIS A 228 7.81 19.20 1.02
C HIS A 228 7.36 20.43 1.84
N ILE A 229 7.54 21.64 1.31
CA ILE A 229 7.11 22.86 1.98
C ILE A 229 5.79 23.31 1.42
N ASP A 230 5.71 23.35 0.09
CA ASP A 230 4.47 23.66 -0.57
C ASP A 230 3.40 22.65 -0.13
N GLN A 231 3.77 21.38 -0.17
CA GLN A 231 2.87 20.29 0.21
C GLN A 231 2.19 20.56 1.54
N LEU A 232 2.99 20.87 2.53
CA LEU A 232 2.49 21.12 3.86
C LEU A 232 1.63 22.38 3.93
N LYS A 233 2.06 23.43 3.23
CA LYS A 233 1.30 24.67 3.16
C LYS A 233 -0.11 24.36 2.69
N LEU A 234 -0.23 23.49 1.69
CA LEU A 234 -1.54 23.15 1.17
C LEU A 234 -2.37 22.43 2.18
N ILE A 235 -1.74 21.53 2.92
CA ILE A 235 -2.45 20.77 3.95
C ILE A 235 -2.99 21.65 5.08
N LEU A 236 -2.09 22.45 5.63
CA LEU A 236 -2.44 23.36 6.69
C LEU A 236 -3.58 24.27 6.26
N ARG A 237 -3.60 24.65 4.99
CA ARG A 237 -4.61 25.52 4.48
C ARG A 237 -5.99 24.92 4.61
N LEU A 238 -6.09 23.62 4.45
CA LEU A 238 -7.37 22.96 4.58
C LEU A 238 -7.65 22.55 6.03
N VAL A 239 -6.64 21.96 6.64
CA VAL A 239 -6.78 21.40 7.97
C VAL A 239 -6.51 22.46 9.05
N GLY A 240 -5.96 23.62 8.68
CA GLY A 240 -5.58 24.63 9.65
C GLY A 240 -4.29 24.25 10.35
N THR A 241 -3.52 25.26 10.78
CA THR A 241 -2.28 25.07 11.57
C THR A 241 -2.57 24.42 12.93
N PRO A 242 -1.57 23.75 13.53
CA PRO A 242 -1.84 22.98 14.76
C PRO A 242 -2.25 23.81 15.96
N GLY A 243 -3.10 23.24 16.79
CA GLY A 243 -3.44 23.85 18.07
C GLY A 243 -2.35 23.61 19.10
N ALA A 244 -2.36 24.41 20.15
CA ALA A 244 -1.42 24.23 21.25
C ALA A 244 -1.46 22.80 21.83
N GLU A 245 -2.62 22.15 21.76
CA GLU A 245 -2.75 20.77 22.21
C GLU A 245 -1.92 19.77 21.38
N LEU A 246 -1.70 20.08 20.11
CA LEU A 246 -0.91 19.24 19.23
C LEU A 246 0.54 19.65 19.33
N LEU A 247 0.80 20.95 19.32
CA LEU A 247 2.16 21.47 19.43
C LEU A 247 2.92 20.97 20.61
N LYS A 248 2.22 20.61 21.67
CA LYS A 248 2.88 20.15 22.86
C LYS A 248 3.37 18.72 22.75
N LYS A 249 3.05 18.02 21.65
CA LYS A 249 3.44 16.63 21.45
C LYS A 249 4.57 16.43 20.47
N ILE A 250 5.09 17.50 19.94
CA ILE A 250 6.15 17.47 18.97
C ILE A 250 7.51 17.62 19.66
N SER A 251 8.27 16.52 19.61
CA SER A 251 9.57 16.39 20.24
C SER A 251 10.67 17.20 19.59
N SER A 252 10.65 17.38 18.28
CA SER A 252 11.71 18.13 17.60
C SER A 252 11.48 19.62 17.72
N GLU A 253 12.51 20.33 18.15
CA GLU A 253 12.49 21.78 18.23
C GLU A 253 12.57 22.43 16.84
N SER A 254 13.32 21.80 15.92
CA SER A 254 13.43 22.31 14.57
C SER A 254 12.00 22.36 14.03
N ALA A 255 11.43 21.15 13.95
CA ALA A 255 10.05 20.98 13.55
C ALA A 255 9.13 22.04 14.15
N ARG A 256 9.19 22.16 15.47
CA ARG A 256 8.33 23.06 16.22
C ARG A 256 8.46 24.49 15.74
N ASN A 257 9.71 24.98 15.63
CA ASN A 257 9.90 26.35 15.24
C ASN A 257 9.37 26.51 13.86
N TYR A 258 9.91 25.69 12.97
CA TYR A 258 9.47 25.70 11.59
C TYR A 258 7.94 25.82 11.48
N ILE A 259 7.23 24.99 12.24
CA ILE A 259 5.78 25.05 12.33
C ILE A 259 5.33 26.34 12.98
N GLN A 260 5.63 26.52 14.27
CA GLN A 260 5.20 27.73 14.98
C GLN A 260 5.59 28.96 14.17
N SER A 261 6.67 28.85 13.39
CA SER A 261 7.12 29.92 12.52
C SER A 261 6.43 29.76 11.18
N LEU A 262 5.13 30.04 11.20
CA LEU A 262 4.30 30.00 10.01
C LEU A 262 3.08 30.81 10.33
N THR A 263 2.35 31.22 9.30
CA THR A 263 1.22 32.14 9.51
C THR A 263 -0.01 31.31 9.85
N GLN A 264 -0.52 31.49 11.07
CA GLN A 264 -1.71 30.78 11.58
C GLN A 264 -2.81 30.67 10.54
N MET A 265 -3.49 29.53 10.54
CA MET A 265 -4.54 29.28 9.57
C MET A 265 -5.60 28.46 10.26
N PRO A 266 -6.86 28.60 9.83
CA PRO A 266 -7.90 27.83 10.49
C PRO A 266 -8.39 26.64 9.71
N LYS A 267 -9.04 25.73 10.43
CA LYS A 267 -9.73 24.61 9.77
C LYS A 267 -10.78 25.20 8.85
N MET A 268 -10.84 24.70 7.63
CA MET A 268 -11.92 25.05 6.75
C MET A 268 -13.09 24.12 7.02
N ASN A 269 -14.25 24.54 6.55
CA ASN A 269 -15.48 23.76 6.63
C ASN A 269 -15.41 22.81 5.45
N PHE A 270 -15.29 21.52 5.75
CA PHE A 270 -15.18 20.50 4.69
C PHE A 270 -16.45 20.46 3.84
N ALA A 271 -17.57 20.88 4.42
CA ALA A 271 -18.79 20.97 3.65
C ALA A 271 -18.73 22.07 2.59
N ASN A 272 -17.81 23.01 2.68
CA ASN A 272 -17.67 24.01 1.64
C ASN A 272 -16.49 23.73 0.72
N VAL A 273 -15.70 22.72 1.02
CA VAL A 273 -14.62 22.35 0.13
C VAL A 273 -15.15 21.28 -0.76
N PHE A 274 -15.77 20.28 -0.14
CA PHE A 274 -16.36 19.17 -0.87
C PHE A 274 -17.82 19.50 -1.06
N ILE A 275 -18.07 20.47 -1.93
CA ILE A 275 -19.42 21.05 -2.06
C ILE A 275 -20.36 20.09 -2.76
N GLY A 276 -21.45 19.78 -2.05
CA GLY A 276 -22.50 18.93 -2.57
C GLY A 276 -22.20 17.45 -2.61
N ALA A 277 -21.01 17.01 -2.18
CA ALA A 277 -20.78 15.56 -2.02
C ALA A 277 -21.68 15.11 -0.91
N ASN A 278 -21.89 13.81 -0.81
CA ASN A 278 -22.63 13.25 0.31
C ASN A 278 -22.15 13.80 1.70
N PRO A 279 -23.05 14.41 2.50
CA PRO A 279 -22.56 14.89 3.82
C PRO A 279 -22.04 13.80 4.76
N LEU A 280 -22.34 12.55 4.47
CA LEU A 280 -21.71 11.45 5.18
C LEU A 280 -20.28 11.21 4.76
N ALA A 281 -19.99 11.39 3.47
CA ALA A 281 -18.63 11.26 2.98
C ALA A 281 -17.79 12.37 3.60
N VAL A 282 -18.37 13.55 3.66
CA VAL A 282 -17.66 14.72 4.15
C VAL A 282 -17.32 14.51 5.63
N ASP A 283 -18.27 14.01 6.38
CA ASP A 283 -18.07 13.69 7.76
C ASP A 283 -16.89 12.74 7.92
N LEU A 284 -16.83 11.71 7.08
CA LEU A 284 -15.78 10.71 7.14
C LEU A 284 -14.39 11.30 6.89
N LEU A 285 -14.29 12.17 5.91
CA LEU A 285 -13.05 12.87 5.62
C LEU A 285 -12.56 13.77 6.74
N GLU A 286 -13.47 14.41 7.45
CA GLU A 286 -13.11 15.28 8.56
C GLU A 286 -12.37 14.44 9.58
N LYS A 287 -12.80 13.19 9.72
CA LYS A 287 -12.28 12.28 10.71
C LYS A 287 -11.00 11.57 10.26
N MET A 288 -10.74 11.57 8.95
CA MET A 288 -9.55 10.97 8.41
C MET A 288 -8.50 12.01 8.25
N LEU A 289 -8.82 13.21 7.82
CA LEU A 289 -7.79 14.20 7.58
C LEU A 289 -7.41 15.07 8.77
N VAL A 290 -7.48 14.50 9.97
CA VAL A 290 -7.08 15.24 11.14
C VAL A 290 -5.57 15.31 11.15
N LEU A 291 -5.06 16.47 11.50
CA LEU A 291 -3.62 16.68 11.54
C LEU A 291 -2.98 15.79 12.58
N ASP A 292 -3.49 15.84 13.80
CA ASP A 292 -2.98 15.00 14.88
C ASP A 292 -3.30 13.53 14.67
N SER A 293 -2.25 12.73 14.52
CA SER A 293 -2.42 11.31 14.21
C SER A 293 -3.08 10.55 15.34
N ASP A 294 -2.91 11.04 16.56
CA ASP A 294 -3.53 10.43 17.73
C ASP A 294 -5.08 10.47 17.67
N LYS A 295 -5.65 11.42 16.94
CA LYS A 295 -7.11 11.50 16.90
C LYS A 295 -7.74 11.10 15.56
N ARG A 296 -6.90 10.66 14.62
CA ARG A 296 -7.35 10.21 13.31
C ARG A 296 -8.11 8.93 13.53
N ILE A 297 -9.20 8.75 12.79
CA ILE A 297 -9.98 7.54 12.90
C ILE A 297 -9.17 6.33 12.37
N THR A 298 -9.46 5.12 12.83
CA THR A 298 -8.77 3.93 12.40
C THR A 298 -9.59 3.27 11.34
N ALA A 299 -8.99 2.28 10.70
CA ALA A 299 -9.60 1.50 9.67
C ALA A 299 -10.83 0.79 10.21
N ALA A 300 -10.69 0.07 11.31
CA ALA A 300 -11.82 -0.61 11.94
C ALA A 300 -12.93 0.36 12.34
N GLN A 301 -12.60 1.53 12.89
CA GLN A 301 -13.65 2.52 13.23
C GLN A 301 -14.36 3.10 12.00
N ALA A 302 -13.62 3.29 10.91
CA ALA A 302 -14.18 3.91 9.73
C ALA A 302 -15.12 2.97 9.01
N LEU A 303 -14.76 1.70 9.00
CA LEU A 303 -15.63 0.67 8.46
C LEU A 303 -17.01 0.63 9.12
N ALA A 304 -17.17 1.20 10.31
CA ALA A 304 -18.46 1.23 10.98
C ALA A 304 -19.08 2.60 10.89
N HIS A 305 -18.47 3.49 10.13
CA HIS A 305 -19.04 4.80 9.87
C HIS A 305 -20.28 4.59 9.00
N ALA A 306 -21.19 5.56 9.03
CA ALA A 306 -22.50 5.48 8.33
C ALA A 306 -22.36 5.44 6.80
N TYR A 307 -21.35 6.13 6.31
CA TYR A 307 -21.03 6.16 4.90
C TYR A 307 -20.98 4.79 4.28
N PHE A 308 -20.68 3.76 5.07
CA PHE A 308 -20.62 2.41 4.53
C PHE A 308 -21.77 1.55 5.00
N ALA A 309 -22.90 2.20 5.25
CA ALA A 309 -24.07 1.54 5.80
C ALA A 309 -24.36 0.23 5.08
N GLN A 310 -24.28 0.25 3.74
CA GLN A 310 -24.72 -0.93 2.99
C GLN A 310 -23.68 -2.00 2.72
N TYR A 311 -22.41 -1.73 2.96
CA TYR A 311 -21.39 -2.78 2.75
C TYR A 311 -20.90 -3.36 4.04
N HIS A 312 -20.92 -2.55 5.08
CA HIS A 312 -20.36 -2.93 6.33
C HIS A 312 -20.96 -4.19 6.90
N ASP A 313 -20.13 -5.21 7.10
CA ASP A 313 -20.55 -6.43 7.77
C ASP A 313 -19.46 -6.86 8.77
N PRO A 314 -19.63 -6.57 10.07
CA PRO A 314 -18.54 -6.98 10.98
C PRO A 314 -18.24 -8.48 11.04
N ASP A 315 -19.12 -9.33 10.53
CA ASP A 315 -18.79 -10.76 10.47
C ASP A 315 -17.91 -11.11 9.30
N ASP A 316 -17.77 -10.22 8.32
CA ASP A 316 -16.93 -10.51 7.17
C ASP A 316 -15.77 -9.50 6.98
N GLU A 317 -15.33 -8.83 8.05
CA GLU A 317 -14.17 -7.92 7.96
C GLU A 317 -13.07 -8.50 8.84
N PRO A 318 -12.32 -9.48 8.32
CA PRO A 318 -11.39 -10.16 9.22
C PRO A 318 -10.07 -9.45 9.47
N VAL A 319 -9.40 -9.91 10.53
CA VAL A 319 -8.13 -9.48 10.92
C VAL A 319 -7.17 -10.61 10.62
N ALA A 320 -5.87 -10.29 10.69
CA ALA A 320 -4.84 -11.18 10.22
C ALA A 320 -4.23 -11.97 11.36
N ASP A 321 -3.60 -13.09 11.05
CA ASP A 321 -2.65 -13.75 11.93
C ASP A 321 -1.45 -12.86 12.32
N PRO A 322 -0.85 -13.12 13.48
CA PRO A 322 0.27 -12.25 13.89
C PRO A 322 1.46 -12.36 12.95
N TYR A 323 2.17 -11.28 12.74
CA TYR A 323 3.26 -11.24 11.78
C TYR A 323 4.56 -10.93 12.49
N ASP A 324 5.52 -11.83 12.35
CA ASP A 324 6.80 -11.66 12.99
C ASP A 324 7.67 -10.68 12.25
N GLN A 325 7.77 -9.48 12.78
CA GLN A 325 8.57 -8.43 12.22
C GLN A 325 9.91 -8.27 12.90
N SER A 326 10.33 -9.27 13.65
CA SER A 326 11.58 -9.21 14.42
C SER A 326 12.83 -8.97 13.57
N PHE A 327 12.78 -9.39 12.30
CA PHE A 327 13.89 -9.25 11.39
C PHE A 327 14.13 -7.83 11.04
N GLU A 328 13.11 -7.00 11.18
CA GLU A 328 13.26 -5.60 10.81
C GLU A 328 14.38 -4.95 11.54
N SER A 329 14.67 -5.41 12.76
CA SER A 329 15.73 -4.82 13.59
C SER A 329 17.15 -5.47 13.47
N ARG A 330 17.30 -6.50 12.63
CA ARG A 330 18.58 -7.21 12.54
C ARG A 330 19.48 -6.60 11.50
N ASP A 331 20.78 -6.76 11.70
CA ASP A 331 21.80 -6.34 10.75
C ASP A 331 22.50 -7.61 10.32
N LEU A 332 22.16 -8.10 9.15
CA LEU A 332 22.77 -9.30 8.60
C LEU A 332 23.57 -9.01 7.36
N LEU A 333 24.33 -10.01 6.95
CA LEU A 333 25.09 -9.92 5.72
C LEU A 333 24.20 -10.27 4.57
N ILE A 334 24.61 -9.87 3.37
CA ILE A 334 23.90 -10.20 2.15
C ILE A 334 23.73 -11.70 2.05
N ASP A 335 24.77 -12.46 2.38
CA ASP A 335 24.63 -13.92 2.27
C ASP A 335 23.65 -14.48 3.26
N GLU A 336 23.39 -13.76 4.35
CA GLU A 336 22.41 -14.23 5.32
C GLU A 336 20.96 -13.90 4.91
N TRP A 337 20.73 -12.68 4.44
CA TRP A 337 19.40 -12.31 3.98
C TRP A 337 19.01 -13.12 2.77
N LYS A 338 19.98 -13.37 1.92
CA LYS A 338 19.81 -14.22 0.74
C LYS A 338 19.44 -15.65 1.02
N SER A 339 19.95 -16.21 2.09
CA SER A 339 19.62 -17.58 2.48
C SER A 339 18.28 -17.67 3.19
N LEU A 340 17.89 -16.62 3.93
CA LEU A 340 16.55 -16.66 4.59
C LEU A 340 15.46 -16.54 3.55
N THR A 341 15.72 -15.73 2.53
CA THR A 341 14.81 -15.58 1.38
C THR A 341 14.66 -16.88 0.62
N TYR A 342 15.77 -17.56 0.41
CA TYR A 342 15.77 -18.90 -0.23
C TYR A 342 14.90 -19.87 0.54
N ASP A 343 15.07 -19.91 1.85
CA ASP A 343 14.22 -20.73 2.69
C ASP A 343 12.76 -20.41 2.49
N GLU A 344 12.44 -19.13 2.41
CA GLU A 344 11.05 -18.74 2.27
C GLU A 344 10.44 -19.17 0.91
N VAL A 345 11.27 -19.16 -0.11
CA VAL A 345 10.88 -19.56 -1.43
C VAL A 345 10.54 -21.04 -1.40
N ILE A 346 11.50 -21.82 -0.91
CA ILE A 346 11.39 -23.27 -0.79
C ILE A 346 10.25 -23.76 0.09
N SER A 347 9.90 -23.01 1.12
CA SER A 347 8.86 -23.45 2.02
C SER A 347 7.51 -22.87 1.66
N PHE A 348 7.38 -22.30 0.46
CA PHE A 348 6.13 -21.72 0.02
C PHE A 348 5.10 -22.82 -0.17
N VAL A 349 3.85 -22.54 0.24
CA VAL A 349 2.74 -23.45 0.05
C VAL A 349 1.71 -22.70 -0.76
N PRO A 350 1.42 -23.13 -1.98
CA PRO A 350 0.39 -22.41 -2.71
C PRO A 350 -0.94 -22.45 -1.97
N PRO A 351 -1.81 -21.47 -2.20
CA PRO A 351 -3.16 -21.57 -1.65
C PRO A 351 -3.99 -22.62 -2.42
N PRO A 352 -5.25 -22.84 -2.01
CA PRO A 352 -6.09 -23.73 -2.81
C PRO A 352 -6.78 -22.95 -3.92
N LEU A 353 -6.98 -23.59 -5.08
CA LEU A 353 -7.57 -22.96 -6.27
C LEU A 353 -8.90 -22.19 -6.05
CAT 9Y5 B . 3.46 -2.10 -7.98
CAK 9Y5 B . 2.97 -3.48 -8.44
NAL 9Y5 B . 2.13 -3.69 -9.44
CAI 9Y5 B . 3.33 -4.64 -7.94
NAH 9Y5 B . 4.16 -4.97 -6.86
SAG 9Y5 B . 3.57 -6.24 -5.98
OAV 9Y5 B . 4.51 -6.70 -4.85
OAW 9Y5 B . 2.18 -5.93 -5.44
CAD 9Y5 B . 3.38 -7.35 -7.17
CAC 9Y5 B . 3.68 -8.69 -6.94
CAB 9Y5 B . 3.51 -9.60 -7.97
CAA 9Y5 B . 3.04 -9.18 -9.21
CAF 9Y5 B . 2.76 -7.82 -9.43
CAE 9Y5 B . 2.87 -6.89 -8.40
CAJ 9Y5 B . 2.65 -5.57 -8.64
NAM 9Y5 B . 1.97 -4.89 -9.59
CAN 9Y5 B . 1.09 -5.28 -10.48
CAO 9Y5 B . 0.09 -6.15 -10.04
CAP 9Y5 B . -0.92 -6.53 -10.92
CL1 9Y5 B . -2.11 -7.63 -10.41
CAQ 9Y5 B . -0.98 -6.01 -12.22
CAR 9Y5 B . -0.01 -5.12 -12.65
CAS 9Y5 B . 1.03 -4.74 -11.78
#